data_2NXN
#
_entry.id   2NXN
#
_cell.length_a   132.844
_cell.length_b   132.844
_cell.length_c   46.006
_cell.angle_alpha   90.00
_cell.angle_beta   90.00
_cell.angle_gamma   120.00
#
_symmetry.space_group_name_H-M   'P 65'
#
loop_
_entity.id
_entity.type
_entity.pdbx_description
1 polymer 'Ribosomal protein L11 methyltransferase'
2 polymer '50S ribosomal protein L11'
3 water water
#
loop_
_entity_poly.entity_id
_entity_poly.type
_entity_poly.pdbx_seq_one_letter_code
_entity_poly.pdbx_strand_id
1 'polypeptide(L)'
;MWVYRLKGTLEALDPILPGLFDGGARGLWEREGEVWAFFPAPVDLPYEGVWEEVGDEDWLEAWRRDLKPALAPPFVVLAP
WHTWEGAEIPLVIEPGMAFGTGHHETTRLALKALARHLRPGDKVLDLGTGSGVLAIAAEKLGGKALGVDIDPMVLPQAEA
NAKRNGVRPRFLEGSLEAALPFGPFDLLVANLYAELHAALAPRYREALVPGGRALLTGILKDRAPLVREAMAGAGFRPLE
EAAEGEWVLLAYGR
;
A
2 'polypeptide(L)'
;MKKVVAVVKLQLPAGKATPAPPVGPALGQHGANIMEFVKAFNAATANMGDAIVPVEITIYADRSFTFVTKTPPASYLIRK
AAGLEKGAHKPGREKVGRITWEQVLEIAKQKMPDLNTTDLEAAARMIAGSARSMGVEVVGAPEVKDA
;
B
#
# COMPACT_ATOMS: atom_id res chain seq x y z
N MET A 1 7.92 -19.33 4.14
CA MET A 1 7.19 -18.45 5.10
C MET A 1 6.77 -19.23 6.34
N TRP A 2 7.11 -18.69 7.51
CA TRP A 2 6.90 -19.39 8.78
C TRP A 2 6.24 -18.46 9.84
N VAL A 3 5.16 -18.92 10.45
CA VAL A 3 4.45 -18.18 11.51
C VAL A 3 5.09 -18.37 12.89
N TYR A 4 5.02 -17.33 13.72
CA TYR A 4 5.60 -17.36 15.07
C TYR A 4 4.58 -16.94 16.14
N ARG A 5 4.26 -17.86 17.04
CA ARG A 5 3.19 -17.67 18.05
C ARG A 5 3.70 -17.17 19.42
N LEU A 6 3.11 -16.08 19.90
CA LEU A 6 3.57 -15.43 21.14
C LEU A 6 2.59 -15.44 22.32
N LYS A 7 3.17 -15.60 23.51
CA LYS A 7 2.45 -15.68 24.79
C LYS A 7 1.86 -14.32 25.24
N GLY A 8 0.89 -13.80 24.48
CA GLY A 8 0.20 -12.56 24.89
C GLY A 8 -0.57 -11.81 23.81
N THR A 9 -0.78 -10.52 24.03
CA THR A 9 -1.57 -9.66 23.12
C THR A 9 -0.76 -8.47 22.53
N LEU A 10 -1.37 -7.76 21.57
CA LEU A 10 -0.71 -6.62 20.93
C LEU A 10 -0.41 -5.39 21.82
N GLU A 11 -0.88 -5.59 23.21
CA GLU A 11 -0.88 -4.43 24.11
C GLU A 11 -0.29 -4.88 25.45
N ALA A 12 -0.15 -6.20 25.58
CA ALA A 12 0.59 -6.80 26.68
C ALA A 12 2.04 -7.17 26.32
N LEU A 13 2.33 -7.25 25.02
CA LEU A 13 3.69 -7.50 24.49
C LEU A 13 4.14 -6.27 23.62
N ASP A 14 3.61 -5.09 23.95
CA ASP A 14 3.81 -3.87 23.17
C ASP A 14 5.29 -3.34 23.10
N PRO A 15 6.16 -3.67 24.10
CA PRO A 15 7.57 -3.29 24.03
C PRO A 15 8.55 -4.35 23.46
N ILE A 16 8.08 -5.58 23.23
CA ILE A 16 8.92 -6.59 22.58
C ILE A 16 8.69 -6.56 21.06
N LEU A 17 7.70 -5.77 20.64
CA LEU A 17 7.24 -5.70 19.25
C LEU A 17 8.22 -5.10 18.22
N PRO A 18 8.93 -4.00 18.58
CA PRO A 18 9.94 -3.48 17.65
C PRO A 18 11.04 -4.49 17.30
N GLY A 19 11.48 -5.27 18.28
CA GLY A 19 12.49 -6.31 18.09
C GLY A 19 12.10 -7.40 17.10
N LEU A 20 10.80 -7.46 16.77
CA LEU A 20 10.29 -8.45 15.82
C LEU A 20 10.45 -7.99 14.36
N PHE A 21 10.40 -6.67 14.14
CA PHE A 21 10.63 -6.10 12.82
C PHE A 21 12.11 -5.84 12.55
N ASP A 22 12.93 -6.23 13.52
CA ASP A 22 14.38 -6.29 13.36
C ASP A 22 14.73 -7.72 12.98
N GLY A 23 13.78 -8.63 13.19
CA GLY A 23 13.93 -10.04 12.85
C GLY A 23 13.54 -10.32 11.42
N GLY A 24 12.90 -9.33 10.79
CA GLY A 24 12.53 -9.41 9.37
C GLY A 24 11.07 -9.66 9.12
N ALA A 25 10.27 -9.71 10.19
CA ALA A 25 8.83 -9.96 10.09
C ALA A 25 8.13 -9.03 9.11
N ARG A 26 7.09 -9.56 8.47
CA ARG A 26 6.33 -8.77 7.51
C ARG A 26 5.03 -8.25 8.14
N GLY A 27 4.54 -8.95 9.16
CA GLY A 27 3.25 -8.61 9.80
C GLY A 27 2.92 -9.39 11.07
N LEU A 28 2.13 -8.75 11.92
CA LEU A 28 1.69 -9.33 13.18
C LEU A 28 0.18 -9.52 13.16
N TRP A 29 -0.30 -10.55 13.85
CA TRP A 29 -1.73 -10.89 13.89
C TRP A 29 -2.11 -11.38 15.29
N GLU A 30 -3.18 -10.80 15.84
CA GLU A 30 -3.76 -11.19 17.12
C GLU A 30 -4.84 -12.26 16.96
N ARG A 31 -4.76 -13.28 17.82
CA ARG A 31 -5.72 -14.38 17.89
C ARG A 31 -6.48 -14.34 19.24
N GLU A 32 -7.23 -15.41 19.52
CA GLU A 32 -7.96 -15.61 20.79
C GLU A 32 -7.14 -15.30 22.06
N GLY A 33 -5.84 -15.09 21.88
CA GLY A 33 -4.94 -14.71 22.97
C GLY A 33 -3.51 -15.00 22.60
N GLU A 34 -3.19 -14.77 21.34
CA GLU A 34 -1.92 -15.15 20.75
C GLU A 34 -1.53 -14.10 19.73
N VAL A 35 -0.24 -13.78 19.66
CA VAL A 35 0.26 -12.95 18.54
C VAL A 35 1.07 -13.81 17.56
N TRP A 36 0.64 -13.81 16.31
CA TRP A 36 1.23 -14.60 15.25
C TRP A 36 2.08 -13.70 14.37
N ALA A 37 3.40 -13.91 14.40
CA ALA A 37 4.33 -13.11 13.61
C ALA A 37 4.90 -13.90 12.43
N PHE A 38 4.72 -13.37 11.22
CA PHE A 38 5.14 -14.07 9.99
C PHE A 38 6.44 -13.53 9.41
N PHE A 39 7.26 -14.43 8.86
CA PHE A 39 8.63 -14.12 8.45
C PHE A 39 8.97 -14.71 7.08
N PRO A 40 9.88 -14.07 6.33
CA PRO A 40 10.45 -14.71 5.13
C PRO A 40 11.62 -15.64 5.46
N ALA A 41 12.24 -15.43 6.62
CA ALA A 41 13.37 -16.26 7.08
C ALA A 41 13.40 -16.37 8.62
N PRO A 42 13.64 -17.59 9.15
CA PRO A 42 13.66 -17.81 10.59
C PRO A 42 15.02 -17.54 11.25
N VAL A 43 15.02 -16.74 12.30
CA VAL A 43 16.23 -16.48 13.08
C VAL A 43 16.00 -16.81 14.56
N ASP A 44 17.01 -16.58 15.40
CA ASP A 44 16.96 -16.92 16.82
C ASP A 44 16.39 -15.79 17.70
N LEU A 45 15.06 -15.65 17.68
CA LEU A 45 14.36 -14.71 18.55
C LEU A 45 14.36 -15.21 20.00
N PRO A 46 14.64 -14.33 20.97
CA PRO A 46 14.84 -14.71 22.37
C PRO A 46 13.58 -15.05 23.17
N TYR A 47 12.42 -14.70 22.62
CA TYR A 47 11.13 -14.76 23.33
C TYR A 47 10.54 -16.17 23.49
N GLU A 48 11.26 -17.17 22.97
CA GLU A 48 10.99 -18.60 23.21
C GLU A 48 9.56 -19.08 22.89
N GLY A 49 8.96 -18.54 21.83
CA GLY A 49 7.65 -19.01 21.32
C GLY A 49 7.78 -20.33 20.56
N VAL A 50 6.95 -20.50 19.53
CA VAL A 50 7.02 -21.71 18.70
C VAL A 50 6.79 -21.41 17.20
N TRP A 51 7.55 -22.11 16.34
CA TRP A 51 7.52 -21.94 14.88
C TRP A 51 6.58 -22.93 14.18
N GLU A 52 5.94 -22.49 13.09
CA GLU A 52 5.09 -23.37 12.26
C GLU A 52 5.29 -23.21 10.74
N GLU A 53 4.73 -24.14 9.96
CA GLU A 53 5.00 -24.26 8.52
C GLU A 53 4.33 -23.18 7.64
N VAL A 54 4.41 -23.37 6.33
CA VAL A 54 3.83 -22.45 5.34
C VAL A 54 2.35 -22.73 5.06
N GLY A 55 1.99 -24.01 4.93
CA GLY A 55 0.62 -24.42 4.65
C GLY A 55 0.39 -24.83 3.19
N ASP A 58 -4.30 -21.77 0.34
CA ASP A 58 -5.73 -21.63 0.61
C ASP A 58 -6.26 -20.27 0.11
N TRP A 59 -5.70 -19.19 0.67
CA TRP A 59 -6.22 -17.81 0.49
C TRP A 59 -5.69 -17.06 -0.75
N LEU A 60 -4.90 -17.75 -1.57
CA LEU A 60 -4.37 -17.18 -2.82
C LEU A 60 -5.32 -17.48 -3.99
N GLU A 61 -5.84 -18.72 -3.98
CA GLU A 61 -6.65 -19.29 -5.06
C GLU A 61 -8.15 -18.97 -4.96
N ALA A 62 -8.64 -18.71 -3.75
CA ALA A 62 -10.00 -18.19 -3.58
C ALA A 62 -10.20 -16.93 -4.44
N TRP A 63 -9.10 -16.19 -4.62
CA TRP A 63 -9.08 -14.98 -5.43
C TRP A 63 -9.04 -15.32 -6.93
N ARG A 64 -7.95 -16.00 -7.32
CA ARG A 64 -7.64 -16.34 -8.72
C ARG A 64 -8.77 -17.10 -9.45
N ARG A 65 -9.54 -17.88 -8.69
CA ARG A 65 -10.56 -18.77 -9.28
C ARG A 65 -11.99 -18.25 -9.24
N ASP A 66 -12.26 -17.33 -8.31
CA ASP A 66 -13.53 -16.59 -8.33
C ASP A 66 -13.52 -15.42 -9.37
N LEU A 67 -12.37 -15.21 -10.02
CA LEU A 67 -12.10 -14.01 -10.88
C LEU A 67 -12.99 -13.83 -12.09
N LYS A 68 -13.88 -12.85 -12.02
CA LYS A 68 -14.76 -12.50 -13.14
C LYS A 68 -14.08 -11.43 -13.99
N PRO A 69 -14.29 -11.45 -15.33
CA PRO A 69 -13.76 -10.36 -16.13
C PRO A 69 -14.19 -9.01 -15.58
N ALA A 70 -13.32 -8.02 -15.69
CA ALA A 70 -13.61 -6.71 -15.17
C ALA A 70 -13.90 -5.79 -16.35
N LEU A 71 -15.11 -5.24 -16.38
CA LEU A 71 -15.50 -4.31 -17.41
C LEU A 71 -14.99 -2.93 -17.11
N ALA A 72 -14.37 -2.30 -18.11
CA ALA A 72 -14.02 -0.88 -18.06
C ALA A 72 -14.14 -0.29 -19.48
N PRO A 73 -15.38 -0.10 -19.96
CA PRO A 73 -15.59 0.32 -21.35
C PRO A 73 -14.55 1.37 -21.78
N PRO A 74 -13.92 1.19 -22.95
CA PRO A 74 -14.19 0.21 -24.00
C PRO A 74 -13.48 -1.15 -23.85
N PHE A 75 -12.86 -1.38 -22.70
CA PHE A 75 -12.11 -2.60 -22.46
C PHE A 75 -12.84 -3.56 -21.54
N VAL A 76 -12.39 -4.80 -21.63
CA VAL A 76 -12.63 -5.83 -20.65
C VAL A 76 -11.26 -6.45 -20.37
N VAL A 77 -10.97 -6.61 -19.09
CA VAL A 77 -9.76 -7.21 -18.63
C VAL A 77 -10.04 -8.63 -18.26
N LEU A 78 -9.26 -9.52 -18.88
CA LEU A 78 -9.44 -10.94 -18.82
C LEU A 78 -8.14 -11.66 -18.37
N ALA A 79 -8.34 -12.80 -17.73
CA ALA A 79 -7.25 -13.63 -17.32
C ALA A 79 -6.92 -14.50 -18.53
N PRO A 80 -5.69 -15.04 -18.57
CA PRO A 80 -5.32 -15.86 -19.71
C PRO A 80 -6.34 -16.98 -20.00
N TRP A 81 -7.10 -17.39 -18.99
CA TRP A 81 -8.05 -18.51 -19.12
C TRP A 81 -9.51 -18.14 -19.42
N HIS A 82 -9.82 -16.84 -19.44
CA HIS A 82 -11.14 -16.34 -19.85
C HIS A 82 -11.23 -16.23 -21.36
N THR A 83 -12.46 -16.02 -21.84
CA THR A 83 -12.68 -15.56 -23.22
C THR A 83 -13.79 -14.51 -23.19
N TRP A 84 -14.08 -13.87 -24.31
CA TRP A 84 -15.09 -12.83 -24.31
C TRP A 84 -15.90 -12.82 -25.58
N GLU A 85 -17.20 -12.62 -25.38
CA GLU A 85 -18.20 -12.57 -26.44
C GLU A 85 -18.28 -11.17 -27.07
N GLY A 86 -18.26 -10.14 -26.22
CA GLY A 86 -18.62 -8.76 -26.59
C GLY A 86 -17.78 -8.03 -27.62
N ALA A 87 -18.03 -6.73 -27.74
CA ALA A 87 -17.30 -5.87 -28.66
C ALA A 87 -16.22 -5.13 -27.96
N GLU A 88 -16.13 -5.30 -26.64
CA GLU A 88 -15.04 -4.68 -25.86
C GLU A 88 -13.65 -5.08 -26.34
N ILE A 89 -12.68 -4.19 -26.11
CA ILE A 89 -11.29 -4.48 -26.40
C ILE A 89 -10.75 -5.28 -25.25
N PRO A 90 -10.32 -6.51 -25.54
CA PRO A 90 -9.84 -7.44 -24.52
C PRO A 90 -8.43 -7.11 -24.09
N LEU A 91 -8.19 -7.07 -22.81
CA LEU A 91 -6.87 -6.87 -22.26
C LEU A 91 -6.53 -8.13 -21.42
N VAL A 92 -5.63 -8.97 -21.91
CA VAL A 92 -5.29 -10.25 -21.23
C VAL A 92 -4.09 -9.99 -20.32
N ILE A 93 -4.26 -10.30 -19.03
CA ILE A 93 -3.30 -9.92 -17.99
C ILE A 93 -3.19 -11.10 -17.04
N GLU A 94 -2.02 -11.72 -17.00
CA GLU A 94 -1.68 -12.72 -16.00
C GLU A 94 -1.78 -12.14 -14.58
N PRO A 95 -2.73 -12.64 -13.77
CA PRO A 95 -2.98 -12.05 -12.45
C PRO A 95 -1.88 -12.41 -11.44
N GLY A 96 -1.51 -11.48 -10.54
CA GLY A 96 -0.46 -11.70 -9.54
C GLY A 96 0.12 -10.45 -8.86
N MET A 97 1.21 -9.91 -9.43
CA MET A 97 1.88 -8.66 -8.95
C MET A 97 1.25 -7.39 -9.56
N ALA A 98 0.09 -7.01 -9.00
CA ALA A 98 -0.86 -6.01 -9.55
C ALA A 98 -1.46 -6.45 -10.89
N THR A 101 -4.13 -5.60 -11.84
CA THR A 101 -4.69 -6.61 -12.74
C THR A 101 -5.72 -5.98 -13.65
N GLY A 102 -6.82 -5.52 -13.07
CA GLY A 102 -8.00 -5.08 -13.83
C GLY A 102 -9.25 -4.89 -12.97
N HIS A 103 -9.21 -5.41 -11.76
CA HIS A 103 -10.41 -5.47 -10.94
C HIS A 103 -10.50 -4.36 -9.93
N HIS A 104 -9.51 -3.47 -9.90
CA HIS A 104 -9.55 -2.45 -8.90
C HIS A 104 -10.12 -1.19 -9.50
N GLU A 105 -10.80 -0.40 -8.69
CA GLU A 105 -11.38 0.84 -9.13
C GLU A 105 -10.38 1.70 -9.88
N THR A 106 -9.19 1.84 -9.31
CA THR A 106 -8.18 2.76 -9.81
C THR A 106 -7.71 2.47 -11.23
N THR A 107 -7.54 1.19 -11.54
CA THR A 107 -7.21 0.73 -12.87
C THR A 107 -8.37 1.03 -13.82
N ARG A 108 -9.60 0.81 -13.36
CA ARG A 108 -10.77 1.03 -14.20
C ARG A 108 -10.96 2.48 -14.58
N LEU A 109 -10.80 3.36 -13.58
CA LEU A 109 -10.86 4.81 -13.77
C LEU A 109 -9.81 5.29 -14.80
N ALA A 110 -8.58 4.80 -14.67
CA ALA A 110 -7.49 5.12 -15.58
C ALA A 110 -7.70 4.57 -16.99
N LEU A 111 -8.19 3.35 -17.13
CA LEU A 111 -8.56 2.76 -18.43
C LEU A 111 -9.65 3.53 -19.15
N LYS A 112 -10.73 3.87 -18.45
CA LYS A 112 -11.77 4.74 -19.04
C LYS A 112 -11.26 6.13 -19.39
N ALA A 113 -10.38 6.67 -18.54
CA ALA A 113 -9.80 7.98 -18.80
C ALA A 113 -8.83 7.96 -20.02
N LEU A 114 -8.06 6.87 -20.21
CA LEU A 114 -7.26 6.71 -21.44
C LEU A 114 -8.11 6.84 -22.71
N ALA A 115 -9.25 6.15 -22.74
CA ALA A 115 -10.19 6.16 -23.84
C ALA A 115 -10.72 7.52 -24.17
N ARG A 116 -10.98 8.36 -23.17
CA ARG A 116 -11.47 9.71 -23.39
C ARG A 116 -10.37 10.66 -23.91
N HIS A 117 -9.12 10.46 -23.49
CA HIS A 117 -8.07 11.48 -23.67
C HIS A 117 -7.01 11.12 -24.70
N LEU A 118 -6.82 9.83 -25.00
CA LEU A 118 -5.66 9.40 -25.80
C LEU A 118 -6.00 9.48 -27.27
N ARG A 119 -5.10 10.11 -28.04
CA ARG A 119 -5.22 10.17 -29.50
C ARG A 119 -4.32 9.14 -30.15
N PRO A 120 -4.77 8.52 -31.24
CA PRO A 120 -3.85 7.64 -31.96
C PRO A 120 -2.55 8.41 -32.30
N GLY A 121 -1.41 7.79 -32.06
CA GLY A 121 -0.11 8.41 -32.30
C GLY A 121 0.49 9.08 -31.08
N ASP A 122 -0.25 9.20 -29.97
CA ASP A 122 0.27 9.99 -28.85
C ASP A 122 1.42 9.16 -28.19
N LYS A 123 2.50 9.81 -27.74
CA LYS A 123 3.43 9.26 -26.79
C LYS A 123 2.88 9.25 -25.37
N VAL A 124 2.89 8.06 -24.75
CA VAL A 124 2.33 7.84 -23.39
C VAL A 124 3.41 7.36 -22.38
N LEU A 125 3.39 7.98 -21.22
CA LEU A 125 4.20 7.55 -20.12
C LEU A 125 3.31 6.96 -19.04
N ASP A 126 3.50 5.68 -18.77
CA ASP A 126 2.80 4.96 -17.74
C ASP A 126 3.75 4.75 -16.55
N LEU A 127 3.50 5.50 -15.50
CA LEU A 127 4.37 5.53 -14.38
C LEU A 127 3.89 4.50 -13.33
N GLY A 128 4.83 3.68 -12.82
CA GLY A 128 4.49 2.60 -11.87
C GLY A 128 3.65 1.54 -12.61
N THR A 129 4.20 1.07 -13.74
CA THR A 129 3.51 0.18 -14.65
C THR A 129 2.99 -1.18 -14.07
N GLY A 130 3.70 -1.75 -13.11
CA GLY A 130 3.29 -3.06 -12.52
C GLY A 130 3.10 -4.07 -13.63
N SER A 131 1.85 -4.49 -13.85
CA SER A 131 1.48 -5.51 -14.84
C SER A 131 1.67 -5.06 -16.31
N GLY A 132 1.65 -3.75 -16.52
CA GLY A 132 1.77 -3.13 -17.85
C GLY A 132 0.43 -2.87 -18.45
N VAL A 133 -0.61 -3.19 -17.70
CA VAL A 133 -2.02 -3.02 -18.11
C VAL A 133 -2.34 -1.68 -18.79
N LEU A 134 -1.91 -0.56 -18.23
CA LEU A 134 -2.24 0.76 -18.80
C LEU A 134 -1.39 1.11 -20.00
N ALA A 135 -0.14 0.69 -20.00
CA ALA A 135 0.77 0.82 -21.16
C ALA A 135 0.22 0.00 -22.35
N ILE A 136 -0.31 -1.17 -22.04
CA ILE A 136 -0.87 -2.07 -23.01
C ILE A 136 -2.18 -1.56 -23.52
N ALA A 137 -3.09 -1.22 -22.61
CA ALA A 137 -4.30 -0.44 -22.98
C ALA A 137 -4.04 0.72 -23.91
N ALA A 138 -3.09 1.56 -23.56
CA ALA A 138 -2.69 2.70 -24.44
C ALA A 138 -2.29 2.31 -25.84
N GLU A 139 -1.50 1.23 -25.96
CA GLU A 139 -1.08 0.70 -27.28
C GLU A 139 -2.30 0.20 -28.08
N LYS A 140 -3.23 -0.47 -27.42
CA LYS A 140 -4.50 -0.89 -28.05
C LYS A 140 -5.30 0.30 -28.59
N LEU A 141 -5.11 1.47 -27.98
CA LEU A 141 -5.78 2.69 -28.40
C LEU A 141 -4.99 3.49 -29.46
N GLY A 142 -3.91 2.91 -29.97
CA GLY A 142 -2.97 3.56 -30.92
C GLY A 142 -1.91 4.53 -30.34
N GLY A 143 -1.68 4.49 -29.04
CA GLY A 143 -0.62 5.25 -28.40
C GLY A 143 0.72 4.57 -28.42
N LYS A 144 1.77 5.34 -28.23
CA LYS A 144 3.13 4.79 -28.24
C LYS A 144 3.62 4.90 -26.78
N ALA A 145 3.73 3.75 -26.13
CA ALA A 145 3.79 3.69 -24.71
C ALA A 145 5.13 3.21 -24.18
N LEU A 146 5.61 3.94 -23.17
CA LEU A 146 6.68 3.53 -22.25
C LEU A 146 6.08 3.29 -20.85
N GLY A 147 6.25 2.10 -20.30
CA GLY A 147 5.88 1.88 -18.92
C GLY A 147 7.13 1.77 -18.08
N VAL A 148 7.20 2.47 -16.96
CA VAL A 148 8.36 2.38 -16.01
C VAL A 148 7.90 1.93 -14.67
N ASP A 149 8.75 1.17 -14.01
CA ASP A 149 8.53 0.72 -12.65
C ASP A 149 9.85 0.73 -11.94
N ILE A 150 9.86 1.22 -10.68
CA ILE A 150 11.12 1.22 -9.89
C ILE A 150 11.51 -0.20 -9.45
N ASP A 151 10.55 -1.13 -9.52
CA ASP A 151 10.79 -2.55 -9.21
C ASP A 151 11.00 -3.34 -10.50
N PRO A 152 12.28 -3.61 -10.84
CA PRO A 152 12.66 -4.35 -12.05
C PRO A 152 12.17 -5.79 -12.13
N MET A 153 11.64 -6.33 -11.01
CA MET A 153 11.08 -7.69 -10.97
C MET A 153 9.78 -7.84 -11.78
N VAL A 154 8.98 -6.78 -11.82
CA VAL A 154 7.73 -6.82 -12.58
C VAL A 154 7.93 -6.79 -14.10
N LEU A 155 9.09 -6.30 -14.55
CA LEU A 155 9.31 -6.05 -15.95
C LEU A 155 9.07 -7.21 -16.89
N PRO A 156 9.61 -8.43 -16.56
CA PRO A 156 9.37 -9.60 -17.41
C PRO A 156 7.91 -10.02 -17.52
N GLN A 157 7.12 -9.92 -16.47
CA GLN A 157 5.68 -10.16 -16.62
C GLN A 157 4.96 -9.08 -17.42
N ALA A 158 5.34 -7.83 -17.25
CA ALA A 158 4.82 -6.76 -18.12
C ALA A 158 5.04 -7.04 -19.62
N GLU A 159 6.24 -7.52 -19.97
CA GLU A 159 6.60 -8.02 -21.30
C GLU A 159 5.74 -9.19 -21.79
N ALA A 160 5.60 -10.18 -20.92
CA ALA A 160 4.73 -11.34 -21.19
C ALA A 160 3.28 -10.91 -21.37
N ASN A 161 2.76 -10.06 -20.49
CA ASN A 161 1.43 -9.45 -20.72
C ASN A 161 1.32 -8.78 -22.12
N ALA A 162 2.35 -8.04 -22.55
CA ALA A 162 2.29 -7.28 -23.77
C ALA A 162 2.26 -8.22 -24.97
N LYS A 163 3.08 -9.26 -24.92
CA LYS A 163 3.10 -10.26 -25.98
C LYS A 163 1.81 -11.07 -26.11
N ARG A 164 1.12 -11.40 -25.01
CA ARG A 164 -0.22 -12.01 -25.17
C ARG A 164 -1.27 -11.07 -25.75
N ASN A 165 -0.97 -9.78 -25.77
CA ASN A 165 -1.91 -8.81 -26.28
C ASN A 165 -1.61 -8.32 -27.67
N GLY A 166 -0.55 -8.84 -28.27
CA GLY A 166 -0.15 -8.39 -29.61
C GLY A 166 0.37 -6.98 -29.75
N VAL A 167 0.95 -6.42 -28.67
CA VAL A 167 1.37 -5.01 -28.67
C VAL A 167 2.82 -4.90 -28.25
N ARG A 168 3.46 -3.76 -28.49
CA ARG A 168 4.81 -3.59 -27.99
C ARG A 168 5.17 -2.29 -27.29
N PRO A 169 4.71 -2.12 -26.06
CA PRO A 169 5.18 -0.96 -25.34
C PRO A 169 6.64 -1.14 -25.10
N ARG A 170 7.29 -0.07 -24.67
CA ARG A 170 8.60 -0.20 -24.11
C ARG A 170 8.43 -0.16 -22.60
N PHE A 171 9.24 -0.94 -21.92
CA PHE A 171 9.16 -1.12 -20.48
C PHE A 171 10.54 -0.89 -19.96
N LEU A 172 10.71 -0.03 -18.96
CA LEU A 172 12.04 0.20 -18.44
C LEU A 172 12.03 0.26 -16.94
N GLU A 173 13.13 -0.10 -16.29
CA GLU A 173 13.28 0.16 -14.84
C GLU A 173 13.52 1.65 -14.54
N GLY A 174 12.89 2.22 -13.51
CA GLY A 174 13.14 3.64 -13.18
C GLY A 174 11.85 4.39 -12.90
N SER A 175 11.91 5.73 -12.83
CA SER A 175 10.73 6.60 -12.63
C SER A 175 10.85 7.69 -13.68
N LEU A 176 10.41 8.90 -13.38
CA LEU A 176 10.41 9.97 -14.40
C LEU A 176 11.73 10.19 -15.07
N GLU A 177 12.79 10.18 -14.30
CA GLU A 177 14.07 10.55 -14.80
C GLU A 177 14.58 9.60 -15.86
N ALA A 178 14.21 8.33 -15.75
CA ALA A 178 14.66 7.30 -16.68
C ALA A 178 13.85 7.46 -17.99
N ALA A 179 12.61 7.95 -17.88
CA ALA A 179 11.72 8.20 -19.04
C ALA A 179 12.12 9.43 -19.83
N LEU A 180 12.84 10.36 -19.21
CA LEU A 180 13.12 11.64 -19.84
C LEU A 180 13.76 11.59 -21.25
N PRO A 181 14.83 10.77 -21.46
CA PRO A 181 15.42 10.59 -22.81
C PRO A 181 14.44 10.06 -23.89
N PHE A 182 13.32 9.46 -23.49
CA PHE A 182 12.31 8.93 -24.41
C PHE A 182 11.18 9.90 -24.70
N GLY A 183 11.16 11.01 -23.94
CA GLY A 183 10.11 11.98 -24.08
C GLY A 183 10.52 13.19 -24.90
N PRO A 184 9.79 14.30 -24.74
CA PRO A 184 8.63 14.52 -23.89
C PRO A 184 7.43 13.72 -24.38
N PHE A 185 6.41 13.66 -23.54
CA PHE A 185 5.20 12.87 -23.81
C PHE A 185 3.96 13.73 -24.02
N ASP A 186 2.97 13.19 -24.73
CA ASP A 186 1.67 13.87 -24.93
C ASP A 186 0.74 13.65 -23.73
N LEU A 187 0.90 12.48 -23.11
CA LEU A 187 0.05 12.01 -22.05
C LEU A 187 0.85 11.24 -21.02
N LEU A 188 0.64 11.57 -19.74
CA LEU A 188 1.16 10.79 -18.66
C LEU A 188 0.01 10.12 -17.89
N VAL A 189 0.11 8.82 -17.64
CA VAL A 189 -0.86 8.14 -16.76
C VAL A 189 -0.05 7.56 -15.60
N ALA A 190 -0.55 7.69 -14.39
CA ALA A 190 0.17 7.29 -13.19
C ALA A 190 -0.79 6.80 -12.11
N ASN A 191 -0.64 5.54 -11.70
CA ASN A 191 -1.39 4.99 -10.57
C ASN A 191 -0.50 4.94 -9.34
N LEU A 192 -0.62 5.95 -8.50
CA LEU A 192 0.31 6.18 -7.42
C LEU A 192 -0.40 6.85 -6.25
N TYR A 193 0.18 6.79 -5.06
CA TYR A 193 -0.36 7.54 -3.91
C TYR A 193 -0.49 9.03 -4.18
N ALA A 194 -1.46 9.66 -3.52
CA ALA A 194 -1.60 11.11 -3.48
C ALA A 194 -0.30 11.88 -3.14
N GLU A 195 0.45 11.36 -2.16
CA GLU A 195 1.67 11.99 -1.64
C GLU A 195 2.78 11.98 -2.66
N LEU A 196 2.88 10.86 -3.40
CA LEU A 196 3.79 10.76 -4.53
C LEU A 196 3.36 11.71 -5.66
N HIS A 197 2.10 11.68 -6.06
CA HIS A 197 1.64 12.64 -7.08
C HIS A 197 2.03 14.07 -6.71
N ALA A 198 1.78 14.44 -5.45
CA ALA A 198 2.04 15.79 -4.98
C ALA A 198 3.53 16.14 -5.01
N ALA A 199 4.40 15.17 -4.73
CA ALA A 199 5.85 15.40 -4.78
C ALA A 199 6.34 15.55 -6.22
N LEU A 200 5.76 14.76 -7.11
CA LEU A 200 6.21 14.68 -8.48
C LEU A 200 5.63 15.72 -9.43
N ALA A 201 4.66 16.48 -8.97
CA ALA A 201 3.99 17.46 -9.83
C ALA A 201 4.92 18.30 -10.75
N PRO A 202 5.94 19.01 -10.18
CA PRO A 202 6.86 19.76 -11.05
C PRO A 202 7.51 18.91 -12.15
N ARG A 203 7.96 17.71 -11.81
CA ARG A 203 8.56 16.83 -12.79
C ARG A 203 7.57 16.26 -13.83
N TYR A 204 6.32 16.01 -13.45
CA TYR A 204 5.26 15.84 -14.41
C TYR A 204 5.20 16.96 -15.47
N ARG A 205 5.23 18.22 -15.10
CA ARG A 205 5.20 19.31 -16.09
C ARG A 205 6.39 19.23 -17.05
N GLU A 206 7.57 18.88 -16.51
CA GLU A 206 8.81 18.59 -17.24
C GLU A 206 8.70 17.43 -18.25
N ALA A 207 7.91 16.39 -17.94
CA ALA A 207 7.81 15.21 -18.79
C ALA A 207 6.89 15.40 -20.01
N LEU A 208 6.05 16.42 -19.97
CA LEU A 208 4.99 16.63 -20.96
C LEU A 208 5.32 17.77 -21.89
N VAL A 209 4.95 17.58 -23.16
CA VAL A 209 4.92 18.67 -24.14
C VAL A 209 3.91 19.76 -23.68
N PRO A 210 4.10 21.00 -24.15
CA PRO A 210 3.05 22.02 -24.04
C PRO A 210 1.70 21.51 -24.55
N GLY A 211 0.64 21.68 -23.76
CA GLY A 211 -0.67 21.12 -24.10
C GLY A 211 -0.82 19.65 -23.74
N GLY A 212 0.24 19.03 -23.16
CA GLY A 212 0.16 17.62 -22.72
C GLY A 212 -0.78 17.43 -21.55
N ARG A 213 -1.14 16.17 -21.26
CA ARG A 213 -2.02 15.89 -20.12
C ARG A 213 -1.57 14.80 -19.13
N ALA A 214 -2.02 14.95 -17.88
CA ALA A 214 -1.66 13.98 -16.83
C ALA A 214 -2.95 13.39 -16.33
N LEU A 215 -2.99 12.07 -16.26
CA LEU A 215 -4.10 11.31 -15.67
C LEU A 215 -3.61 10.53 -14.50
N LEU A 216 -4.14 10.93 -13.35
CA LEU A 216 -3.59 10.56 -12.08
C LEU A 216 -4.62 9.80 -11.23
N THR A 217 -4.28 8.58 -10.90
CA THR A 217 -5.14 7.80 -10.03
C THR A 217 -4.31 7.15 -8.91
N GLY A 218 -4.95 6.27 -8.15
CA GLY A 218 -4.36 5.76 -6.93
C GLY A 218 -4.65 6.67 -5.77
N ILE A 219 -5.54 7.65 -5.99
CA ILE A 219 -5.83 8.73 -5.06
C ILE A 219 -7.14 8.50 -4.28
N LEU A 220 -7.05 8.58 -2.95
CA LEU A 220 -8.15 8.35 -2.04
C LEU A 220 -8.96 9.66 -1.98
N LYS A 221 -10.29 9.61 -2.13
CA LYS A 221 -11.16 10.82 -2.03
C LYS A 221 -10.58 11.86 -1.06
N ASP A 222 -10.39 11.46 0.20
CA ASP A 222 -9.94 12.34 1.29
C ASP A 222 -8.55 12.98 1.08
N ARG A 223 -7.75 12.40 0.17
CA ARG A 223 -6.36 12.82 -0.05
C ARG A 223 -6.12 13.61 -1.35
N ALA A 224 -7.19 13.73 -2.15
CA ALA A 224 -7.23 14.51 -3.38
C ALA A 224 -6.81 16.01 -3.29
N PRO A 225 -7.26 16.76 -2.24
CA PRO A 225 -6.77 18.15 -2.08
C PRO A 225 -5.25 18.34 -2.15
N LEU A 226 -4.49 17.39 -1.58
CA LEU A 226 -3.03 17.37 -1.67
C LEU A 226 -2.60 17.50 -3.14
N VAL A 227 -3.19 16.67 -3.98
CA VAL A 227 -2.84 16.60 -5.38
C VAL A 227 -3.27 17.84 -6.19
N ARG A 228 -4.49 18.28 -5.96
CA ARG A 228 -5.03 19.52 -6.55
C ARG A 228 -4.17 20.77 -6.32
N GLU A 229 -3.77 20.98 -5.06
CA GLU A 229 -2.88 22.07 -4.66
C GLU A 229 -1.54 21.94 -5.37
N ALA A 230 -0.91 20.76 -5.31
CA ALA A 230 0.37 20.52 -5.95
C ALA A 230 0.31 20.73 -7.44
N MET A 231 -0.75 20.23 -8.09
CA MET A 231 -0.83 20.32 -9.56
C MET A 231 -1.04 21.75 -10.03
N ALA A 232 -1.91 22.51 -9.36
CA ALA A 232 -2.12 23.94 -9.64
C ALA A 232 -0.82 24.70 -9.47
N GLY A 233 -0.05 24.29 -8.46
CA GLY A 233 1.19 24.94 -8.05
C GLY A 233 2.23 24.72 -9.11
N ALA A 234 2.14 23.58 -9.81
CA ALA A 234 3.07 23.26 -10.88
C ALA A 234 2.65 23.82 -12.23
N GLY A 235 1.62 24.67 -12.25
CA GLY A 235 1.13 25.27 -13.51
C GLY A 235 0.15 24.48 -14.37
N PHE A 236 -0.49 23.46 -13.79
CA PHE A 236 -1.46 22.66 -14.52
C PHE A 236 -2.86 23.25 -14.38
N ARG A 237 -3.71 23.00 -15.36
CA ARG A 237 -5.11 23.39 -15.23
C ARG A 237 -6.01 22.14 -15.23
N PRO A 238 -7.05 22.14 -14.35
CA PRO A 238 -7.94 21.00 -14.14
C PRO A 238 -8.82 20.75 -15.36
N LEU A 239 -8.91 19.48 -15.77
CA LEU A 239 -9.78 19.08 -16.89
C LEU A 239 -11.09 18.46 -16.41
N GLU A 240 -11.00 17.60 -15.40
CA GLU A 240 -12.12 16.82 -14.91
C GLU A 240 -11.64 15.86 -13.83
N GLU A 241 -12.59 15.43 -13.02
CA GLU A 241 -12.38 14.38 -12.04
C GLU A 241 -13.39 13.27 -12.30
N ALA A 242 -13.04 12.05 -11.94
CA ALA A 242 -13.96 10.92 -11.96
C ALA A 242 -13.73 10.15 -10.68
N ALA A 243 -14.76 9.54 -10.15
CA ALA A 243 -14.68 8.86 -8.86
C ALA A 243 -15.34 7.50 -8.91
N GLU A 244 -14.83 6.55 -8.12
CA GLU A 244 -15.55 5.30 -7.86
C GLU A 244 -15.11 4.78 -6.50
N GLY A 245 -16.08 4.48 -5.63
CA GLY A 245 -15.83 4.04 -4.26
C GLY A 245 -15.03 5.11 -3.55
N GLU A 246 -14.04 4.66 -2.79
CA GLU A 246 -13.13 5.54 -2.08
C GLU A 246 -12.14 6.33 -2.95
N TRP A 247 -12.09 6.01 -4.25
CA TRP A 247 -11.00 6.45 -5.16
C TRP A 247 -11.40 7.54 -6.16
N VAL A 248 -10.50 8.48 -6.46
CA VAL A 248 -10.73 9.46 -7.58
C VAL A 248 -9.68 9.38 -8.67
N LEU A 249 -10.05 9.86 -9.87
CA LEU A 249 -9.04 10.12 -10.91
C LEU A 249 -9.05 11.63 -11.18
N LEU A 250 -7.88 12.22 -11.25
CA LEU A 250 -7.74 13.63 -11.52
C LEU A 250 -6.98 13.86 -12.83
N ALA A 251 -7.58 14.64 -13.73
CA ALA A 251 -7.01 14.95 -15.05
C ALA A 251 -6.60 16.41 -15.22
N TYR A 252 -5.42 16.63 -15.79
CA TYR A 252 -4.81 17.97 -15.89
C TYR A 252 -4.17 18.26 -17.22
N GLY A 253 -4.22 19.52 -17.63
CA GLY A 253 -3.54 19.93 -18.83
C GLY A 253 -2.46 20.92 -18.49
N ARG A 254 -1.32 20.78 -19.15
CA ARG A 254 -0.21 21.75 -19.00
C ARG A 254 -0.22 22.69 -20.23
N MET B 1 -26.24 -0.23 12.00
CA MET B 1 -27.19 -0.94 11.07
C MET B 1 -26.50 -1.60 9.87
N LYS B 2 -25.50 -2.43 10.20
CA LYS B 2 -24.80 -3.35 9.28
C LYS B 2 -23.99 -4.28 10.21
N LYS B 3 -24.38 -5.56 10.24
CA LYS B 3 -23.89 -6.55 11.22
C LYS B 3 -22.38 -6.81 11.09
N VAL B 4 -21.66 -6.66 12.21
CA VAL B 4 -20.22 -6.94 12.29
C VAL B 4 -20.04 -8.42 12.59
N VAL B 5 -19.14 -9.10 11.88
CA VAL B 5 -18.86 -10.50 12.23
C VAL B 5 -17.39 -10.73 12.60
N ALA B 6 -16.59 -9.66 12.55
CA ALA B 6 -15.17 -9.73 12.91
C ALA B 6 -14.52 -8.37 13.10
N VAL B 7 -13.80 -8.24 14.22
CA VAL B 7 -12.91 -7.11 14.43
C VAL B 7 -11.46 -7.64 14.50
N VAL B 8 -10.77 -7.62 13.36
CA VAL B 8 -9.43 -8.23 13.24
C VAL B 8 -8.33 -7.21 13.54
N LYS B 9 -7.54 -7.51 14.56
CA LYS B 9 -6.43 -6.67 15.02
C LYS B 9 -5.11 -7.19 14.44
N LEU B 10 -4.28 -6.26 13.96
CA LEU B 10 -3.22 -6.59 12.99
C LEU B 10 -2.17 -5.49 12.96
N GLN B 11 -0.88 -5.84 13.13
CA GLN B 11 0.18 -4.83 13.01
C GLN B 11 1.02 -4.98 11.73
N LEU B 12 1.09 -3.88 10.98
CA LEU B 12 1.58 -3.86 9.59
C LEU B 12 2.49 -2.66 9.27
N PRO B 13 3.51 -2.86 8.41
CA PRO B 13 4.40 -1.75 8.07
C PRO B 13 3.85 -0.80 7.00
N ALA B 14 3.93 0.50 7.28
CA ALA B 14 3.39 1.56 6.42
C ALA B 14 3.74 1.40 4.93
N GLY B 15 2.70 1.31 4.12
CA GLY B 15 2.79 1.16 2.68
C GLY B 15 3.44 -0.11 2.18
N LYS B 16 3.46 -1.16 3.00
CA LYS B 16 4.15 -2.41 2.64
C LYS B 16 3.32 -3.65 3.03
N ALA B 17 2.02 -3.54 2.79
CA ALA B 17 1.09 -4.65 2.97
C ALA B 17 0.96 -5.41 1.64
N THR B 18 0.81 -6.73 1.74
CA THR B 18 0.58 -7.57 0.56
C THR B 18 -0.50 -8.61 0.88
N PRO B 19 -0.99 -9.34 -0.14
CA PRO B 19 -1.95 -10.43 0.06
C PRO B 19 -1.45 -11.47 1.06
N ALA B 20 -0.14 -11.71 1.04
CA ALA B 20 0.56 -12.60 1.97
C ALA B 20 0.15 -12.45 3.46
N PRO B 21 0.33 -13.53 4.27
CA PRO B 21 0.04 -13.50 5.71
C PRO B 21 0.81 -12.38 6.44
N PRO B 22 0.20 -11.78 7.49
CA PRO B 22 -1.06 -12.12 8.18
C PRO B 22 -2.36 -11.83 7.41
N VAL B 23 -2.28 -10.93 6.43
CA VAL B 23 -3.44 -10.37 5.69
C VAL B 23 -4.34 -11.41 5.01
N GLY B 24 -3.74 -12.31 4.24
CA GLY B 24 -4.46 -13.38 3.56
C GLY B 24 -5.39 -14.17 4.48
N PRO B 25 -4.82 -14.87 5.48
CA PRO B 25 -5.60 -15.64 6.42
C PRO B 25 -6.57 -14.78 7.21
N ALA B 26 -6.10 -13.63 7.68
CA ALA B 26 -6.90 -12.73 8.52
C ALA B 26 -8.16 -12.17 7.84
N LEU B 27 -8.09 -11.87 6.55
CA LEU B 27 -9.29 -11.40 5.84
C LEU B 27 -9.99 -12.49 5.01
N GLY B 28 -9.23 -13.43 4.46
CA GLY B 28 -9.78 -14.53 3.65
C GLY B 28 -10.79 -15.37 4.40
N GLN B 29 -10.54 -15.54 5.68
CA GLN B 29 -11.43 -16.25 6.57
C GLN B 29 -12.86 -15.70 6.48
N HIS B 30 -13.02 -14.39 6.53
CA HIS B 30 -14.34 -13.78 6.58
C HIS B 30 -14.83 -13.26 5.22
N GLY B 31 -14.24 -13.77 4.16
CA GLY B 31 -14.59 -13.34 2.79
C GLY B 31 -14.43 -11.85 2.52
N ALA B 32 -13.44 -11.21 3.12
CA ALA B 32 -13.12 -9.81 2.85
C ALA B 32 -12.29 -9.72 1.58
N ASN B 33 -12.49 -8.65 0.82
CA ASN B 33 -11.73 -8.45 -0.40
C ASN B 33 -10.26 -8.10 -0.06
N ILE B 34 -9.37 -9.01 -0.40
CA ILE B 34 -7.97 -8.98 0.01
C ILE B 34 -7.15 -7.91 -0.73
N MET B 35 -7.12 -8.03 -2.05
CA MET B 35 -6.53 -7.02 -2.93
C MET B 35 -7.06 -5.62 -2.57
N GLU B 36 -8.36 -5.53 -2.33
CA GLU B 36 -9.02 -4.29 -1.90
C GLU B 36 -8.43 -3.67 -0.63
N PHE B 37 -8.26 -4.47 0.41
CA PHE B 37 -7.58 -4.02 1.65
C PHE B 37 -6.11 -3.63 1.47
N VAL B 38 -5.35 -4.47 0.76
CA VAL B 38 -3.95 -4.16 0.47
C VAL B 38 -3.81 -2.77 -0.17
N LYS B 39 -4.60 -2.51 -1.20
CA LYS B 39 -4.59 -1.25 -1.95
C LYS B 39 -5.05 -0.07 -1.08
N ALA B 40 -6.08 -0.27 -0.25
CA ALA B 40 -6.62 0.78 0.64
C ALA B 40 -5.75 1.00 1.86
N PHE B 41 -5.27 -0.09 2.47
CA PHE B 41 -4.28 0.04 3.53
C PHE B 41 -3.06 0.86 3.13
N ASN B 42 -2.48 0.52 1.99
CA ASN B 42 -1.22 1.10 1.52
C ASN B 42 -1.31 2.59 1.20
N ALA B 43 -2.40 2.99 0.59
CA ALA B 43 -2.67 4.39 0.31
C ALA B 43 -2.93 5.20 1.60
N ALA B 44 -3.62 4.59 2.56
CA ALA B 44 -3.89 5.21 3.88
C ALA B 44 -2.61 5.48 4.70
N THR B 45 -1.63 4.58 4.59
CA THR B 45 -0.39 4.68 5.36
C THR B 45 0.81 5.20 4.55
N ALA B 46 0.52 5.87 3.43
CA ALA B 46 1.55 6.40 2.53
C ALA B 46 2.19 7.69 3.04
N ASN B 47 1.52 8.34 3.99
CA ASN B 47 1.95 9.64 4.55
C ASN B 47 2.96 9.45 5.70
N MET B 48 2.76 8.42 6.52
CA MET B 48 3.81 7.87 7.37
C MET B 48 4.82 7.09 6.50
N GLY B 49 5.74 6.35 7.11
CA GLY B 49 6.68 5.60 6.30
C GLY B 49 7.60 4.77 7.12
N ASP B 50 7.56 3.45 6.90
CA ASP B 50 8.40 2.50 7.61
C ASP B 50 7.93 2.30 9.06
N ALA B 51 6.99 3.14 9.47
CA ALA B 51 6.34 3.05 10.77
C ALA B 51 5.58 1.75 10.84
N ILE B 52 5.64 1.10 11.99
CA ILE B 52 4.75 -0.01 12.28
C ILE B 52 3.38 0.66 12.47
N VAL B 53 2.34 0.07 11.91
CA VAL B 53 1.00 0.62 12.07
C VAL B 53 -0.02 -0.47 12.44
N PRO B 54 -0.56 -0.40 13.69
CA PRO B 54 -1.69 -1.22 14.16
C PRO B 54 -2.96 -0.83 13.44
N VAL B 55 -3.74 -1.82 13.04
CA VAL B 55 -4.91 -1.56 12.21
C VAL B 55 -6.02 -2.52 12.57
N GLU B 56 -7.23 -1.99 12.64
CA GLU B 56 -8.39 -2.77 13.05
C GLU B 56 -9.29 -2.91 11.86
N ILE B 57 -9.57 -4.14 11.46
CA ILE B 57 -10.53 -4.34 10.38
C ILE B 57 -11.88 -4.78 10.95
N THR B 58 -12.91 -4.00 10.63
CA THR B 58 -14.27 -4.37 10.97
C THR B 58 -14.90 -4.94 9.71
N ILE B 59 -15.21 -6.23 9.79
CA ILE B 59 -15.74 -7.02 8.68
C ILE B 59 -17.23 -7.22 8.94
N TYR B 60 -18.04 -7.01 7.91
CA TYR B 60 -19.49 -7.08 8.09
C TYR B 60 -20.09 -8.37 7.52
N ALA B 61 -21.41 -8.55 7.70
CA ALA B 61 -22.13 -9.76 7.30
C ALA B 61 -22.26 -9.87 5.79
N ASP B 62 -22.30 -8.72 5.12
CA ASP B 62 -22.23 -8.62 3.66
C ASP B 62 -20.81 -8.81 3.06
N ARG B 63 -19.80 -9.00 3.93
CA ARG B 63 -18.38 -9.19 3.56
C ARG B 63 -17.62 -7.89 3.22
N SER B 64 -18.33 -6.77 3.40
CA SER B 64 -17.77 -5.42 3.48
C SER B 64 -16.75 -5.36 4.59
N PHE B 65 -15.93 -4.32 4.58
CA PHE B 65 -15.05 -4.07 5.71
C PHE B 65 -14.88 -2.56 5.82
N THR B 66 -14.58 -2.08 7.02
CA THR B 66 -13.89 -0.80 7.19
C THR B 66 -12.66 -1.10 8.04
N PHE B 67 -11.76 -0.14 8.18
CA PHE B 67 -10.60 -0.33 9.05
C PHE B 67 -10.16 1.01 9.64
N VAL B 68 -9.63 0.94 10.87
CA VAL B 68 -9.15 2.12 11.54
C VAL B 68 -7.67 1.95 11.77
N THR B 69 -6.94 3.00 11.41
CA THR B 69 -5.50 3.01 11.51
C THR B 69 -5.05 3.63 12.83
N LYS B 70 -4.04 3.01 13.47
CA LYS B 70 -3.56 3.49 14.76
C LYS B 70 -2.17 4.10 14.75
N THR B 71 -1.59 4.25 15.95
CA THR B 71 -0.84 5.46 16.30
C THR B 71 0.65 5.68 16.02
N PRO B 72 1.53 4.67 16.16
CA PRO B 72 1.61 3.24 16.43
C PRO B 72 2.17 2.88 17.83
N PRO B 73 2.92 1.75 17.97
CA PRO B 73 3.39 1.31 19.29
C PRO B 73 4.25 2.35 20.00
N ALA B 74 3.93 2.61 21.27
CA ALA B 74 4.69 3.53 22.11
C ALA B 74 6.19 3.24 22.03
N SER B 75 6.52 1.95 21.95
CA SER B 75 7.91 1.49 21.92
C SER B 75 8.64 1.86 20.64
N TYR B 76 7.92 1.87 19.51
CA TYR B 76 8.48 2.32 18.24
C TYR B 76 8.86 3.79 18.32
N LEU B 77 7.94 4.59 18.88
CA LEU B 77 8.06 6.04 18.97
C LEU B 77 9.12 6.50 19.98
N ILE B 78 9.36 5.67 21.00
CA ILE B 78 10.43 5.88 21.97
C ILE B 78 11.79 5.77 21.26
N ARG B 79 12.07 4.60 20.70
CA ARG B 79 13.32 4.40 19.98
C ARG B 79 13.38 5.11 18.62
N LYS B 80 12.48 6.07 18.39
CA LYS B 80 12.66 7.05 17.33
C LYS B 80 13.58 8.15 17.84
N ALA B 81 14.05 7.98 19.07
CA ALA B 81 15.04 8.87 19.67
C ALA B 81 16.46 8.29 19.56
N ALA B 82 16.60 6.99 19.79
CA ALA B 82 17.88 6.29 19.72
C ALA B 82 17.70 4.88 19.13
N GLY B 83 17.39 4.82 17.83
CA GLY B 83 17.05 3.57 17.16
C GLY B 83 18.22 2.76 16.61
N LEU B 84 19.11 2.35 17.51
CA LEU B 84 20.33 1.61 17.15
C LEU B 84 20.15 0.10 17.35
N GLU B 85 20.09 -0.64 16.23
CA GLU B 85 20.03 -2.11 16.19
C GLU B 85 18.79 -2.74 16.85
N LYS B 86 18.86 -4.04 17.12
CA LYS B 86 17.77 -4.82 17.73
C LYS B 86 17.53 -4.41 19.19
N GLY B 87 16.29 -4.53 19.64
CA GLY B 87 15.91 -4.17 21.01
C GLY B 87 16.36 -5.18 22.06
N ALA B 88 15.70 -5.16 23.22
CA ALA B 88 16.04 -6.08 24.31
C ALA B 88 15.47 -7.50 24.08
N HIS B 89 15.33 -8.26 25.16
CA HIS B 89 14.87 -9.65 25.09
C HIS B 89 13.64 -9.88 26.00
N LYS B 90 13.26 -11.13 26.21
CA LYS B 90 12.01 -11.44 26.94
C LYS B 90 12.05 -11.23 28.47
N PRO B 91 13.15 -11.63 29.17
CA PRO B 91 13.19 -11.30 30.60
C PRO B 91 13.47 -9.80 30.84
N GLY B 92 14.42 -9.24 30.09
CA GLY B 92 14.79 -7.83 30.20
C GLY B 92 16.18 -7.64 30.79
N ARG B 93 17.21 -7.81 29.95
CA ARG B 93 18.60 -7.67 30.38
C ARG B 93 19.52 -7.22 29.22
N GLU B 94 19.10 -6.17 28.52
CA GLU B 94 19.84 -5.66 27.35
C GLU B 94 19.81 -4.13 27.25
N LYS B 95 20.93 -3.55 26.81
CA LYS B 95 21.07 -2.10 26.62
C LYS B 95 20.98 -1.69 25.14
N VAL B 96 20.54 -0.46 24.90
CA VAL B 96 20.43 0.10 23.53
C VAL B 96 20.88 1.57 23.46
N GLY B 97 20.27 2.43 24.28
CA GLY B 97 20.58 3.87 24.30
C GLY B 97 19.96 4.55 25.51
N ARG B 98 19.45 5.77 25.32
CA ARG B 98 18.72 6.52 26.37
C ARG B 98 18.15 7.88 25.90
N ILE B 99 17.32 8.48 26.75
CA ILE B 99 16.74 9.82 26.53
C ILE B 99 16.53 10.59 27.85
N THR B 100 15.59 11.54 27.85
CA THR B 100 15.19 12.30 29.06
C THR B 100 13.71 12.74 29.01
N TRP B 101 13.25 13.38 30.09
CA TRP B 101 11.81 13.64 30.34
C TRP B 101 11.11 14.66 29.44
N GLU B 102 11.67 14.92 28.26
CA GLU B 102 11.09 15.90 27.34
C GLU B 102 10.88 15.33 25.94
N GLN B 103 10.62 14.03 25.88
CA GLN B 103 10.16 13.36 24.66
C GLN B 103 8.64 13.16 24.77
N VAL B 104 8.22 12.75 25.97
CA VAL B 104 6.82 12.55 26.34
C VAL B 104 5.98 13.81 26.15
N LEU B 105 6.60 14.97 26.38
CA LEU B 105 5.95 16.28 26.20
C LEU B 105 5.70 16.63 24.73
N GLU B 106 5.43 15.58 23.93
CA GLU B 106 5.18 15.68 22.49
C GLU B 106 4.47 14.41 22.00
N ILE B 107 4.96 13.26 22.46
CA ILE B 107 4.53 11.94 21.93
C ILE B 107 3.36 11.30 22.71
N ALA B 108 3.08 11.83 23.89
CA ALA B 108 1.95 11.37 24.69
C ALA B 108 0.62 12.01 24.26
N LYS B 109 0.70 13.15 23.56
CA LYS B 109 -0.49 13.76 22.96
C LYS B 109 -0.86 13.04 21.65
N GLN B 110 0.15 12.46 21.00
CA GLN B 110 -0.06 11.67 19.79
C GLN B 110 -0.67 10.31 20.14
N LYS B 111 -0.13 9.67 21.16
CA LYS B 111 -0.63 8.39 21.67
C LYS B 111 -1.74 8.57 22.72
N MET B 112 -2.59 9.57 22.53
CA MET B 112 -3.60 9.92 23.55
C MET B 112 -4.90 9.12 23.43
N PRO B 113 -5.62 9.19 22.29
CA PRO B 113 -6.90 8.46 22.20
C PRO B 113 -6.75 6.93 22.06
N ASP B 114 -5.75 6.35 22.72
CA ASP B 114 -5.57 4.90 22.78
C ASP B 114 -5.95 4.38 24.17
N LEU B 115 -4.99 4.34 25.10
CA LEU B 115 -5.29 4.08 26.50
C LEU B 115 -5.86 5.38 27.08
N ASN B 116 -7.16 5.37 27.39
CA ASN B 116 -7.88 6.59 27.73
C ASN B 116 -7.44 7.30 29.00
N THR B 117 -7.03 8.57 28.83
CA THR B 117 -6.66 9.47 29.93
C THR B 117 -6.95 10.92 29.52
N THR B 118 -7.98 11.52 30.12
CA THR B 118 -8.39 12.90 29.79
C THR B 118 -7.37 13.94 30.25
N ASP B 119 -6.78 13.72 31.43
CA ASP B 119 -5.79 14.61 32.00
C ASP B 119 -4.37 14.31 31.47
N LEU B 120 -3.58 15.36 31.33
CA LEU B 120 -2.21 15.27 30.81
C LEU B 120 -1.26 14.58 31.80
N GLU B 121 -1.70 14.45 33.05
CA GLU B 121 -0.86 14.03 34.18
C GLU B 121 -0.23 12.65 34.03
N ALA B 122 -1.07 11.64 33.85
CA ALA B 122 -0.65 10.23 33.79
C ALA B 122 0.15 9.90 32.53
N ALA B 123 -0.10 10.67 31.46
CA ALA B 123 0.53 10.48 30.15
C ALA B 123 2.07 10.44 30.23
N ALA B 124 2.63 11.19 31.16
CA ALA B 124 4.08 11.20 31.40
C ALA B 124 4.57 9.85 31.91
N ARG B 125 3.91 9.36 32.96
CA ARG B 125 4.37 8.20 33.74
C ARG B 125 4.28 6.86 33.00
N MET B 126 3.43 6.78 31.98
CA MET B 126 3.31 5.55 31.18
C MET B 126 4.46 5.38 30.19
N ILE B 127 4.87 6.48 29.55
CA ILE B 127 5.97 6.47 28.59
C ILE B 127 7.32 6.29 29.30
N ALA B 128 7.50 6.99 30.43
CA ALA B 128 8.63 6.77 31.32
C ALA B 128 8.67 5.32 31.83
N GLY B 129 7.49 4.76 32.08
CA GLY B 129 7.32 3.37 32.48
C GLY B 129 7.17 2.39 31.32
N SER B 130 7.46 2.86 30.11
CA SER B 130 7.59 1.99 28.95
C SER B 130 9.06 1.92 28.53
N ALA B 131 9.77 3.02 28.77
CA ALA B 131 11.21 3.12 28.52
C ALA B 131 12.02 2.32 29.55
N ARG B 132 11.82 1.01 29.55
CA ARG B 132 12.43 0.11 30.54
C ARG B 132 12.68 -1.27 29.93
N SER B 133 11.69 -1.76 29.18
CA SER B 133 11.71 -3.13 28.63
C SER B 133 12.64 -3.29 27.42
N MET B 134 13.13 -2.18 26.89
CA MET B 134 14.05 -2.16 25.74
C MET B 134 15.49 -1.85 26.17
N GLY B 135 15.64 -1.04 27.22
CA GLY B 135 16.94 -0.60 27.73
C GLY B 135 17.14 0.90 27.60
N VAL B 136 16.11 1.65 27.98
CA VAL B 136 16.09 3.12 27.85
C VAL B 136 16.08 3.80 29.23
N GLU B 137 16.54 5.04 29.29
CA GLU B 137 16.62 5.80 30.55
C GLU B 137 15.95 7.18 30.46
N VAL B 138 15.52 7.68 31.62
CA VAL B 138 14.91 9.01 31.75
C VAL B 138 15.45 9.70 33.01
N VAL B 139 15.99 10.90 32.84
CA VAL B 139 16.52 11.70 33.96
C VAL B 139 16.34 13.19 33.72
#